data_2BQU
#
_entry.id   2BQU
#
_cell.length_a   95.359
_cell.length_b   103.027
_cell.length_c   52.987
_cell.angle_alpha   90.00
_cell.angle_beta   90.00
_cell.angle_gamma   90.00
#
_symmetry.space_group_name_H-M   'P 21 21 2'
#
loop_
_entity.id
_entity.type
_entity.pdbx_description
1 polymer 'DNA POLYMERASE IV'
2 polymer "5'-D(*GP*GP*GP*GP*GP*AP*AP*GP*GP*AP *TP*TP*C)-3'"
3 polymer "5'-D(*TP*CP*AP*TP*GNEP*GP*AP*AP*TP*CP*CP *TP*TP*CP*CP*CP*CP*C)-3'"
4 non-polymer "2',3'-DIDEOXYADENOSINE-5'-TRIPHOSPHATE"
5 non-polymer 'CALCIUM ION'
6 water water
#
loop_
_entity_poly.entity_id
_entity_poly.type
_entity_poly.pdbx_seq_one_letter_code
_entity_poly.pdbx_strand_id
1 'polypeptide(L)'
;HHHHHHMIVLFVDFDYFYAQVEEVLNPSLKGKPVVVCVFSGRFEDSGAVATANYEARKFGVKAGIPIVEAKKILPNAVYL
PMRKEVYQQVSSRIMNLLREYSEKIEIASIDEAYLDISDKVRDYREAYNLGLEIKNKILEKEKITVTVGISKNKVFAKIA
ADMAKPNGIKVIDDEEVKRLIRELDIADVPGIGNITAEKLKKLGINKLVDTLSIEFDKLKGMIGEAKAKYLISLARDEYN
EPIRTRVRKSIGRIVTMKRNSRNLEEIKPYLFRAIEESYYKLDKRIPKAIHVVAVTEDLDIVSRGRTFPHGISKETAYSE
SVKLLQKILEEDERKIRRIGVRFSKFIEAIGLDKFFDT
;
A
2 'polydeoxyribonucleotide' (DG)(DG)(DG)(DG)(DG)(DA)(DA)(DG)(DG)(DA)(DT)(DT)(DC) P
3 'polydeoxyribonucleotide' (DT)(DC)(DA)(DT)(GNE)(DG)(DA)(DA)(DT)(DC)(DC)(DT)(DT)(DC)(DC)(DC)(DC)(DC) T
#
loop_
_chem_comp.id
_chem_comp.type
_chem_comp.name
_chem_comp.formula
CA non-polymer 'CALCIUM ION' 'Ca 2'
DA DNA linking 2'-DEOXYADENOSINE-5'-MONOPHOSPHATE 'C10 H14 N5 O6 P'
DAD non-polymer 2',3'-DIDEOXYADENOSINE-5'-TRIPHOSPHATE 'C10 H16 N5 O11 P3'
DC DNA linking 2'-DEOXYCYTIDINE-5'-MONOPHOSPHATE 'C9 H14 N3 O7 P'
DG DNA linking 2'-DEOXYGUANOSINE-5'-MONOPHOSPHATE 'C10 H14 N5 O7 P'
DT DNA linking THYMIDINE-5'-MONOPHOSPHATE 'C10 H15 N2 O8 P'
GNE DNA linking 1,N2-ETHENOGUANINE 'C12 H14 N5 O7 P'
#
# COMPACT_ATOMS: atom_id res chain seq x y z
N MET A 7 6.43 5.74 -25.05
CA MET A 7 6.26 5.63 -23.57
C MET A 7 6.29 4.17 -23.10
N ILE A 8 7.34 3.80 -22.40
CA ILE A 8 7.47 2.44 -21.88
C ILE A 8 7.68 2.50 -20.39
N VAL A 9 6.83 1.79 -19.66
CA VAL A 9 6.93 1.75 -18.20
C VAL A 9 7.26 0.36 -17.70
N LEU A 10 8.22 0.34 -16.77
CA LEU A 10 8.68 -0.90 -16.17
C LEU A 10 8.38 -0.79 -14.68
N PHE A 11 7.40 -1.57 -14.24
CA PHE A 11 6.98 -1.59 -12.84
C PHE A 11 7.66 -2.76 -12.11
N VAL A 12 8.29 -2.47 -10.97
CA VAL A 12 8.96 -3.50 -10.17
C VAL A 12 8.21 -3.66 -8.85
N ASP A 13 7.86 -4.90 -8.53
CA ASP A 13 7.12 -5.25 -7.31
C ASP A 13 7.80 -6.40 -6.56
N PHE A 14 8.39 -6.11 -5.39
CA PHE A 14 9.09 -7.14 -4.62
C PHE A 14 8.15 -8.21 -4.09
N ASP A 15 8.44 -9.49 -4.37
CA ASP A 15 7.61 -10.61 -3.91
C ASP A 15 7.48 -10.78 -2.39
N TYR A 16 6.25 -10.99 -1.92
CA TYR A 16 5.95 -11.16 -0.49
C TYR A 16 7.05 -10.55 0.38
N PHE A 17 7.36 -9.30 0.06
CA PHE A 17 8.43 -8.53 0.69
C PHE A 17 8.80 -8.73 2.14
N TYR A 18 7.88 -8.46 3.06
CA TYR A 18 8.25 -8.58 4.47
C TYR A 18 8.76 -9.95 4.84
N ALA A 19 8.02 -10.99 4.46
CA ALA A 19 8.44 -12.34 4.78
C ALA A 19 9.73 -12.72 4.05
N GLN A 20 9.87 -12.31 2.79
CA GLN A 20 11.08 -12.64 2.07
C GLN A 20 12.32 -12.00 2.68
N VAL A 21 12.18 -10.83 3.30
CA VAL A 21 13.32 -10.18 3.94
C VAL A 21 13.74 -11.01 5.14
N GLU A 22 12.74 -11.57 5.83
CA GLU A 22 12.98 -12.41 7.00
C GLU A 22 13.64 -13.71 6.53
N GLU A 23 13.34 -14.13 5.30
CA GLU A 23 13.93 -15.35 4.78
C GLU A 23 15.42 -15.09 4.51
N VAL A 24 15.73 -13.86 4.10
CA VAL A 24 17.08 -13.46 3.78
C VAL A 24 17.92 -13.33 5.05
N LEU A 25 17.39 -12.63 6.04
CA LEU A 25 18.09 -12.44 7.31
C LEU A 25 18.25 -13.75 8.08
N ASN A 26 17.57 -14.80 7.62
CA ASN A 26 17.65 -16.11 8.24
C ASN A 26 17.24 -17.15 7.21
N PRO A 27 18.18 -17.53 6.33
CA PRO A 27 17.96 -18.50 5.25
C PRO A 27 17.32 -19.82 5.64
N SER A 28 17.47 -20.24 6.89
CA SER A 28 16.89 -21.51 7.32
C SER A 28 15.36 -21.47 7.27
N LEU A 29 14.80 -20.31 6.97
CA LEU A 29 13.35 -20.17 6.89
C LEU A 29 12.82 -20.51 5.50
N LYS A 30 13.70 -20.52 4.51
CA LYS A 30 13.28 -20.82 3.14
C LYS A 30 12.66 -22.22 3.06
N GLY A 31 11.54 -22.33 2.36
CA GLY A 31 10.88 -23.62 2.23
C GLY A 31 9.72 -23.77 3.21
N LYS A 32 9.87 -23.21 4.41
CA LYS A 32 8.82 -23.29 5.41
C LYS A 32 7.87 -22.11 5.28
N PRO A 33 6.62 -22.29 5.75
CA PRO A 33 5.62 -21.21 5.69
C PRO A 33 5.96 -20.15 6.73
N VAL A 34 6.12 -18.91 6.27
CA VAL A 34 6.47 -17.78 7.14
C VAL A 34 5.33 -16.77 7.19
N VAL A 35 4.97 -16.39 8.41
CA VAL A 35 3.87 -15.45 8.65
C VAL A 35 4.36 -14.23 9.46
N VAL A 36 4.34 -13.06 8.83
CA VAL A 36 4.77 -11.86 9.51
C VAL A 36 3.53 -11.15 10.01
N CYS A 37 3.40 -11.07 11.33
CA CYS A 37 2.22 -10.46 11.90
C CYS A 37 2.45 -9.30 12.83
N VAL A 38 1.34 -8.68 13.18
CA VAL A 38 1.34 -7.55 14.10
C VAL A 38 0.50 -7.97 15.34
N PHE A 39 1.17 -8.16 16.48
CA PHE A 39 0.56 -8.58 17.78
C PHE A 39 0.11 -7.34 18.56
N SER A 40 -1.20 -7.15 18.62
CA SER A 40 -1.85 -5.98 19.27
C SER A 40 -1.76 -5.78 20.80
N GLY A 41 -1.28 -6.77 21.54
CA GLY A 41 -1.21 -6.62 23.00
C GLY A 41 -2.48 -7.12 23.71
N ARG A 42 -3.64 -6.90 23.08
CA ARG A 42 -4.95 -7.32 23.59
C ARG A 42 -5.02 -8.75 24.26
N PHE A 43 -4.49 -9.80 23.65
CA PHE A 43 -4.56 -11.13 24.32
C PHE A 43 -3.65 -12.14 23.63
N GLU A 44 -3.67 -13.38 24.11
CA GLU A 44 -2.83 -14.43 23.52
C GLU A 44 -2.99 -14.47 22.00
N ASP A 45 -1.91 -14.18 21.29
CA ASP A 45 -1.92 -14.19 19.82
C ASP A 45 -2.95 -13.28 19.14
N SER A 46 -3.32 -12.18 19.78
CA SER A 46 -4.27 -11.27 19.16
C SER A 46 -3.48 -10.48 18.13
N GLY A 47 -4.14 -10.08 17.06
CA GLY A 47 -3.47 -9.32 16.02
C GLY A 47 -3.84 -9.84 14.64
N ALA A 48 -3.22 -9.26 13.62
CA ALA A 48 -3.49 -9.64 12.25
C ALA A 48 -2.21 -10.02 11.55
N VAL A 49 -2.35 -10.65 10.38
CA VAL A 49 -1.21 -11.04 9.56
C VAL A 49 -0.91 -9.88 8.61
N ALA A 50 0.34 -9.43 8.58
CA ALA A 50 0.72 -8.32 7.70
C ALA A 50 1.06 -8.84 6.31
N THR A 51 1.62 -10.06 6.25
CA THR A 51 1.97 -10.71 4.99
C THR A 51 2.54 -12.10 5.29
N ALA A 52 2.49 -12.98 4.29
CA ALA A 52 3.02 -14.34 4.46
C ALA A 52 3.66 -14.78 3.15
N ASN A 53 4.60 -15.72 3.21
CA ASN A 53 5.20 -16.19 1.96
C ASN A 53 4.22 -17.14 1.27
N TYR A 54 4.51 -17.49 0.02
CA TYR A 54 3.62 -18.35 -0.73
C TYR A 54 3.38 -19.73 -0.14
N GLU A 55 4.38 -20.26 0.58
N GLU A 55 4.38 -20.25 0.59
CA GLU A 55 4.21 -21.56 1.20
CA GLU A 55 4.22 -21.56 1.21
C GLU A 55 3.01 -21.48 2.13
C GLU A 55 3.02 -21.48 2.13
N ALA A 56 2.84 -20.33 2.76
CA ALA A 56 1.74 -20.13 3.68
C ALA A 56 0.45 -19.73 2.96
N ARG A 57 0.57 -19.01 1.86
CA ARG A 57 -0.63 -18.59 1.15
C ARG A 57 -1.37 -19.72 0.46
N LYS A 58 -0.70 -20.83 0.22
CA LYS A 58 -1.31 -21.98 -0.42
C LYS A 58 -2.47 -22.48 0.41
N PHE A 59 -2.41 -22.24 1.72
CA PHE A 59 -3.45 -22.71 2.61
C PHE A 59 -4.40 -21.66 3.15
N GLY A 60 -4.51 -20.53 2.46
CA GLY A 60 -5.43 -19.50 2.90
C GLY A 60 -4.88 -18.53 3.93
N VAL A 61 -3.64 -18.71 4.33
CA VAL A 61 -3.03 -17.80 5.29
C VAL A 61 -2.47 -16.59 4.53
N LYS A 62 -3.18 -15.46 4.62
CA LYS A 62 -2.74 -14.25 3.94
C LYS A 62 -2.91 -13.00 4.77
N ALA A 63 -2.41 -11.88 4.24
CA ALA A 63 -2.49 -10.59 4.93
C ALA A 63 -3.94 -10.24 5.22
N GLY A 64 -4.20 -9.73 6.41
CA GLY A 64 -5.57 -9.37 6.76
C GLY A 64 -6.24 -10.31 7.74
N ILE A 65 -6.06 -11.63 7.60
CA ILE A 65 -6.70 -12.56 8.53
C ILE A 65 -6.03 -12.57 9.90
N PRO A 66 -6.82 -12.80 10.97
CA PRO A 66 -6.32 -12.85 12.34
C PRO A 66 -5.22 -13.87 12.56
N ILE A 67 -4.26 -13.54 13.42
CA ILE A 67 -3.16 -14.44 13.69
C ILE A 67 -3.75 -15.75 14.21
N VAL A 68 -4.75 -15.62 15.06
CA VAL A 68 -5.43 -16.77 15.65
C VAL A 68 -6.00 -17.70 14.57
N GLU A 69 -6.40 -17.11 13.44
CA GLU A 69 -6.97 -17.89 12.35
C GLU A 69 -5.90 -18.63 11.58
N ALA A 70 -4.75 -17.99 11.40
CA ALA A 70 -3.64 -18.59 10.67
C ALA A 70 -3.11 -19.82 11.41
N LYS A 71 -2.99 -19.70 12.73
CA LYS A 71 -2.48 -20.80 13.55
C LYS A 71 -3.36 -22.05 13.54
N LYS A 72 -4.67 -21.85 13.36
CA LYS A 72 -5.58 -22.97 13.30
C LYS A 72 -5.29 -23.76 12.03
N ILE A 73 -4.97 -23.03 10.95
CA ILE A 73 -4.67 -23.62 9.67
C ILE A 73 -3.25 -24.17 9.65
N LEU A 74 -2.31 -23.35 10.07
CA LEU A 74 -0.90 -23.72 10.09
C LEU A 74 -0.31 -23.50 11.48
N PRO A 75 -0.60 -24.41 12.42
CA PRO A 75 -0.10 -24.29 13.79
C PRO A 75 1.42 -24.42 13.91
N ASN A 76 2.07 -24.89 12.84
CA ASN A 76 3.54 -25.07 12.88
C ASN A 76 4.35 -24.14 12.00
N ALA A 77 3.68 -23.17 11.38
CA ALA A 77 4.38 -22.22 10.53
C ALA A 77 5.22 -21.33 11.44
N VAL A 78 6.15 -20.58 10.87
CA VAL A 78 6.97 -19.69 11.68
C VAL A 78 6.30 -18.32 11.73
N TYR A 79 5.92 -17.89 12.92
CA TYR A 79 5.26 -16.61 13.13
C TYR A 79 6.28 -15.58 13.65
N LEU A 80 6.46 -14.51 12.88
CA LEU A 80 7.42 -13.49 13.25
C LEU A 80 6.77 -12.13 13.40
N PRO A 81 7.26 -11.33 14.35
CA PRO A 81 6.70 -9.98 14.57
C PRO A 81 7.20 -9.05 13.49
N MET A 82 6.30 -8.27 12.90
CA MET A 82 6.73 -7.34 11.86
C MET A 82 7.83 -6.38 12.32
N ARG A 83 8.84 -6.19 11.47
CA ARG A 83 9.95 -5.26 11.75
C ARG A 83 10.08 -4.24 10.61
N LYS A 84 9.11 -3.33 10.54
CA LYS A 84 9.04 -2.28 9.52
C LYS A 84 10.34 -1.54 9.20
N GLU A 85 11.08 -1.16 10.25
CA GLU A 85 12.32 -0.42 10.04
C GLU A 85 13.33 -1.22 9.21
N VAL A 86 13.50 -2.49 9.53
CA VAL A 86 14.44 -3.32 8.78
C VAL A 86 14.05 -3.39 7.30
N TYR A 87 12.78 -3.68 7.03
CA TYR A 87 12.31 -3.79 5.65
C TYR A 87 12.46 -2.48 4.88
N GLN A 88 12.33 -1.35 5.58
CA GLN A 88 12.45 -0.06 4.92
C GLN A 88 13.88 0.18 4.43
N GLN A 89 14.86 -0.13 5.26
CA GLN A 89 16.25 0.03 4.86
C GLN A 89 16.59 -0.89 3.68
N VAL A 90 16.10 -2.13 3.70
CA VAL A 90 16.37 -3.04 2.61
C VAL A 90 15.70 -2.49 1.36
N SER A 91 14.47 -2.04 1.54
CA SER A 91 13.70 -1.44 0.45
C SER A 91 14.45 -0.27 -0.17
N SER A 92 14.98 0.62 0.66
CA SER A 92 15.71 1.78 0.15
C SER A 92 16.92 1.37 -0.68
N ARG A 93 17.67 0.40 -0.18
CA ARG A 93 18.85 -0.03 -0.89
C ARG A 93 18.47 -0.59 -2.24
N ILE A 94 17.31 -1.22 -2.34
CA ILE A 94 16.86 -1.77 -3.62
C ILE A 94 16.40 -0.64 -4.51
N MET A 95 15.76 0.34 -3.89
CA MET A 95 15.24 1.49 -4.60
C MET A 95 16.40 2.27 -5.21
N ASN A 96 17.56 2.27 -4.53
CA ASN A 96 18.72 2.98 -5.05
C ASN A 96 19.34 2.26 -6.24
N LEU A 97 19.07 0.96 -6.38
CA LEU A 97 19.61 0.19 -7.51
C LEU A 97 18.85 0.51 -8.79
N LEU A 98 17.54 0.64 -8.66
CA LEU A 98 16.66 0.93 -9.79
C LEU A 98 16.95 2.29 -10.41
N ARG A 99 17.19 3.28 -9.56
CA ARG A 99 17.49 4.63 -10.01
C ARG A 99 18.45 4.61 -11.17
N GLU A 100 19.52 3.86 -10.96
CA GLU A 100 20.55 3.73 -11.95
C GLU A 100 20.01 3.25 -13.29
N TYR A 101 18.81 2.66 -13.29
CA TYR A 101 18.22 2.20 -14.55
C TYR A 101 17.27 3.24 -15.11
N SER A 102 16.98 4.26 -14.31
CA SER A 102 16.14 5.34 -14.80
C SER A 102 16.22 6.59 -13.96
N GLU A 103 16.15 7.70 -14.67
CA GLU A 103 16.23 9.01 -14.08
C GLU A 103 14.82 9.37 -13.59
N LYS A 104 13.81 8.87 -14.29
CA LYS A 104 12.43 9.12 -13.90
C LYS A 104 11.91 7.90 -13.16
N ILE A 105 11.89 8.02 -11.83
CA ILE A 105 11.42 6.94 -10.97
C ILE A 105 10.38 7.37 -9.95
N GLU A 106 9.29 6.62 -9.88
CA GLU A 106 8.21 6.89 -8.93
C GLU A 106 8.13 5.76 -7.91
N ILE A 107 8.46 6.07 -6.66
CA ILE A 107 8.40 5.06 -5.61
C ILE A 107 6.98 5.07 -5.06
N ALA A 108 6.16 4.13 -5.54
CA ALA A 108 4.78 4.01 -5.13
C ALA A 108 4.63 3.64 -3.66
N SER A 109 5.43 2.66 -3.23
CA SER A 109 5.39 2.24 -1.83
C SER A 109 6.66 1.54 -1.41
N ILE A 110 6.69 1.05 -0.19
CA ILE A 110 7.86 0.37 0.33
C ILE A 110 8.33 -0.79 -0.55
N ASP A 111 7.48 -1.28 -1.44
CA ASP A 111 7.88 -2.42 -2.26
C ASP A 111 7.51 -2.37 -3.73
N GLU A 112 7.05 -1.21 -4.19
CA GLU A 112 6.66 -1.04 -5.60
C GLU A 112 7.34 0.20 -6.15
N ALA A 113 7.63 0.18 -7.45
CA ALA A 113 8.26 1.33 -8.08
C ALA A 113 8.03 1.29 -9.57
N TYR A 114 7.95 2.47 -10.15
CA TYR A 114 7.71 2.57 -11.58
C TYR A 114 8.91 3.27 -12.21
N LEU A 115 9.37 2.75 -13.34
CA LEU A 115 10.49 3.33 -14.04
C LEU A 115 10.08 3.75 -15.44
N ASP A 116 10.52 4.95 -15.82
CA ASP A 116 10.25 5.49 -17.14
C ASP A 116 11.50 5.11 -17.95
N ILE A 117 11.45 3.97 -18.62
CA ILE A 117 12.58 3.51 -19.43
C ILE A 117 12.33 3.75 -20.91
N SER A 118 11.66 4.86 -21.21
CA SER A 118 11.35 5.22 -22.60
C SER A 118 12.66 5.51 -23.36
N ASP A 119 13.59 6.18 -22.67
CA ASP A 119 14.90 6.57 -23.19
C ASP A 119 16.03 5.61 -22.87
N LYS A 120 15.73 4.47 -22.30
CA LYS A 120 16.83 3.61 -21.94
C LYS A 120 16.87 2.52 -22.94
N VAL A 121 15.77 2.42 -23.62
CA VAL A 121 15.59 1.41 -24.59
C VAL A 121 14.88 2.09 -25.74
N ARG A 122 14.49 1.30 -26.73
CA ARG A 122 13.79 1.82 -27.89
C ARG A 122 12.53 0.98 -28.04
N ASP A 123 12.52 -0.18 -27.38
CA ASP A 123 11.35 -1.05 -27.50
C ASP A 123 11.13 -2.10 -26.40
N TYR A 124 10.16 -2.97 -26.69
CA TYR A 124 9.74 -4.02 -25.78
C TYR A 124 10.61 -5.26 -25.75
N ARG A 125 11.71 -5.27 -26.49
CA ARG A 125 12.60 -6.43 -26.46
C ARG A 125 13.71 -6.02 -25.50
N GLU A 126 14.23 -4.81 -25.74
CA GLU A 126 15.29 -4.26 -24.90
C GLU A 126 14.74 -3.94 -23.51
N ALA A 127 13.44 -3.69 -23.41
CA ALA A 127 12.80 -3.39 -22.13
C ALA A 127 12.70 -4.70 -21.33
N TYR A 128 12.19 -5.75 -21.99
CA TYR A 128 12.07 -7.05 -21.36
C TYR A 128 13.47 -7.46 -20.88
N ASN A 129 14.45 -7.29 -21.76
CA ASN A 129 15.84 -7.61 -21.44
C ASN A 129 16.33 -6.77 -20.25
N LEU A 130 15.87 -5.52 -20.20
CA LEU A 130 16.25 -4.62 -19.11
C LEU A 130 15.56 -5.13 -17.84
N GLY A 131 14.46 -5.85 -18.05
CA GLY A 131 13.74 -6.40 -16.93
C GLY A 131 14.63 -7.41 -16.21
N LEU A 132 15.06 -8.43 -16.96
CA LEU A 132 15.91 -9.48 -16.38
C LEU A 132 17.18 -8.87 -15.81
N GLU A 133 17.70 -7.86 -16.50
N GLU A 133 17.73 -7.89 -16.50
CA GLU A 133 18.92 -7.13 -16.11
CA GLU A 133 18.93 -7.28 -16.01
C GLU A 133 18.75 -6.63 -14.67
C GLU A 133 18.67 -6.83 -14.56
N ILE A 134 17.58 -6.09 -14.37
CA ILE A 134 17.23 -5.59 -13.04
C ILE A 134 16.91 -6.73 -12.07
N LYS A 135 16.07 -7.67 -12.49
CA LYS A 135 15.73 -8.79 -11.62
C LYS A 135 17.00 -9.45 -11.08
N ASN A 136 17.93 -9.77 -11.97
N ASN A 136 17.94 -9.75 -11.96
CA ASN A 136 19.18 -10.40 -11.55
CA ASN A 136 19.18 -10.40 -11.55
C ASN A 136 20.02 -9.47 -10.69
C ASN A 136 20.02 -9.47 -10.69
N LYS A 137 20.16 -8.22 -11.08
CA LYS A 137 20.93 -7.29 -10.28
C LYS A 137 20.44 -7.29 -8.82
N ILE A 138 19.13 -7.19 -8.64
CA ILE A 138 18.54 -7.17 -7.30
C ILE A 138 18.74 -8.50 -6.59
N LEU A 139 18.49 -9.59 -7.31
CA LEU A 139 18.64 -10.93 -6.74
C LEU A 139 20.05 -11.20 -6.23
N GLU A 140 21.06 -10.77 -6.99
CA GLU A 140 22.43 -11.01 -6.59
C GLU A 140 22.85 -10.11 -5.45
N LYS A 141 22.50 -8.84 -5.54
CA LYS A 141 22.88 -7.88 -4.51
C LYS A 141 22.11 -8.00 -3.20
N GLU A 142 20.80 -8.20 -3.30
CA GLU A 142 19.95 -8.30 -2.11
C GLU A 142 19.31 -9.66 -1.84
N LYS A 143 19.49 -10.59 -2.77
CA LYS A 143 18.93 -11.93 -2.63
C LYS A 143 17.40 -11.86 -2.58
N ILE A 144 16.84 -10.84 -3.22
CA ILE A 144 15.39 -10.64 -3.24
C ILE A 144 14.84 -10.85 -4.64
N THR A 145 13.77 -11.63 -4.76
CA THR A 145 13.17 -11.84 -6.06
C THR A 145 12.01 -10.87 -6.18
N VAL A 146 11.85 -10.29 -7.36
CA VAL A 146 10.82 -9.32 -7.62
C VAL A 146 10.14 -9.66 -8.94
N THR A 147 8.90 -9.20 -9.11
CA THR A 147 8.18 -9.44 -10.36
C THR A 147 8.16 -8.15 -11.16
N VAL A 148 8.41 -8.24 -12.46
CA VAL A 148 8.43 -7.07 -13.31
C VAL A 148 7.31 -7.05 -14.34
N GLY A 149 6.64 -5.90 -14.44
CA GLY A 149 5.55 -5.70 -15.38
C GLY A 149 5.94 -4.57 -16.32
N ILE A 150 5.67 -4.76 -17.61
CA ILE A 150 6.03 -3.76 -18.62
C ILE A 150 4.90 -3.51 -19.61
N SER A 151 4.58 -2.24 -19.82
CA SER A 151 3.54 -1.86 -20.75
C SER A 151 3.61 -0.38 -21.08
N LYS A 152 2.61 0.11 -21.82
CA LYS A 152 2.59 1.51 -22.25
C LYS A 152 2.41 2.56 -21.16
N ASN A 153 1.61 2.25 -20.14
CA ASN A 153 1.39 3.18 -19.05
C ASN A 153 1.55 2.46 -17.72
N LYS A 154 1.58 3.24 -16.63
CA LYS A 154 1.72 2.71 -15.28
C LYS A 154 0.65 1.67 -14.89
N VAL A 155 -0.61 1.99 -15.18
CA VAL A 155 -1.70 1.08 -14.84
C VAL A 155 -1.51 -0.32 -15.44
N PHE A 156 -1.23 -0.42 -16.72
CA PHE A 156 -1.06 -1.75 -17.30
C PHE A 156 0.25 -2.41 -16.89
N ALA A 157 1.25 -1.60 -16.60
CA ALA A 157 2.55 -2.12 -16.16
C ALA A 157 2.30 -2.91 -14.87
N LYS A 158 1.56 -2.32 -13.95
CA LYS A 158 1.22 -2.94 -12.67
C LYS A 158 0.38 -4.19 -12.87
N ILE A 159 -0.57 -4.15 -13.82
CA ILE A 159 -1.43 -5.31 -14.10
C ILE A 159 -0.57 -6.45 -14.63
N ALA A 160 0.52 -6.08 -15.29
CA ALA A 160 1.43 -7.06 -15.86
C ALA A 160 2.07 -7.82 -14.72
N ALA A 161 2.59 -7.10 -13.74
CA ALA A 161 3.22 -7.73 -12.58
C ALA A 161 2.21 -8.58 -11.81
N ASP A 162 0.98 -8.09 -11.70
CA ASP A 162 -0.07 -8.82 -11.00
C ASP A 162 -0.29 -10.18 -11.62
N MET A 163 -0.10 -10.26 -12.93
CA MET A 163 -0.30 -11.53 -13.62
C MET A 163 0.96 -12.39 -13.56
N ALA A 164 2.13 -11.75 -13.52
CA ALA A 164 3.39 -12.45 -13.51
C ALA A 164 3.84 -13.00 -12.15
N LYS A 165 3.62 -12.23 -11.09
CA LYS A 165 4.04 -12.64 -9.76
C LYS A 165 3.61 -14.06 -9.38
N PRO A 166 4.42 -14.74 -8.55
CA PRO A 166 5.69 -14.23 -8.01
C PRO A 166 6.91 -14.54 -8.88
N ASN A 167 7.98 -13.80 -8.65
CA ASN A 167 9.23 -14.00 -9.38
C ASN A 167 9.03 -14.11 -10.88
N GLY A 168 8.20 -13.22 -11.44
CA GLY A 168 7.95 -13.27 -12.86
C GLY A 168 8.34 -11.97 -13.55
N ILE A 169 8.03 -11.91 -14.84
CA ILE A 169 8.31 -10.74 -15.67
C ILE A 169 7.41 -10.89 -16.89
N LYS A 170 6.61 -9.87 -17.16
CA LYS A 170 5.69 -9.93 -18.27
C LYS A 170 5.49 -8.61 -18.95
N VAL A 171 5.24 -8.67 -20.26
CA VAL A 171 5.01 -7.49 -21.06
C VAL A 171 3.59 -7.50 -21.63
N ILE A 172 3.02 -6.32 -21.78
CA ILE A 172 1.68 -6.18 -22.35
C ILE A 172 1.80 -5.16 -23.49
N ASP A 173 2.00 -5.66 -24.70
CA ASP A 173 2.14 -4.82 -25.89
C ASP A 173 0.81 -4.16 -26.22
N ASP A 174 0.87 -2.98 -26.84
CA ASP A 174 -0.32 -2.21 -27.21
C ASP A 174 -1.40 -3.13 -27.75
N GLU A 175 -0.99 -4.25 -28.33
N GLU A 175 -0.99 -4.24 -28.33
CA GLU A 175 -1.92 -5.22 -28.89
CA GLU A 175 -1.90 -5.22 -28.89
C GLU A 175 -2.76 -5.88 -27.80
C GLU A 175 -2.76 -5.88 -27.81
N GLU A 176 -2.10 -6.41 -26.79
CA GLU A 176 -2.79 -7.08 -25.68
C GLU A 176 -3.57 -6.10 -24.80
N VAL A 177 -3.19 -4.84 -24.85
CA VAL A 177 -3.89 -3.83 -24.07
C VAL A 177 -5.33 -3.75 -24.59
N LYS A 178 -5.48 -3.82 -25.91
CA LYS A 178 -6.79 -3.77 -26.57
C LYS A 178 -7.66 -4.93 -26.14
N ARG A 179 -7.05 -6.09 -25.96
CA ARG A 179 -7.81 -7.25 -25.54
C ARG A 179 -8.27 -7.15 -24.10
N LEU A 180 -7.36 -6.78 -23.20
CA LEU A 180 -7.69 -6.66 -21.79
C LEU A 180 -8.77 -5.60 -21.52
N ILE A 181 -8.71 -4.49 -22.24
CA ILE A 181 -9.68 -3.42 -22.09
C ILE A 181 -11.07 -3.94 -22.43
N ARG A 182 -11.10 -5.19 -22.92
CA ARG A 182 -12.35 -5.81 -23.32
C ARG A 182 -12.69 -7.06 -22.53
N GLU A 183 -11.66 -7.78 -22.08
N GLU A 183 -11.67 -7.77 -22.04
CA GLU A 183 -11.85 -9.01 -21.33
CA GLU A 183 -11.92 -8.98 -21.27
C GLU A 183 -11.57 -8.90 -19.83
C GLU A 183 -11.61 -8.87 -19.78
N LEU A 184 -10.62 -8.07 -19.44
CA LEU A 184 -10.25 -7.91 -18.02
C LEU A 184 -11.32 -7.43 -17.06
N ASP A 185 -11.57 -8.26 -16.05
CA ASP A 185 -12.54 -7.98 -15.01
C ASP A 185 -12.16 -6.62 -14.43
N ILE A 186 -13.05 -5.65 -14.56
CA ILE A 186 -12.85 -4.29 -14.08
C ILE A 186 -12.28 -4.27 -12.65
N ALA A 187 -12.72 -5.23 -11.84
CA ALA A 187 -12.27 -5.32 -10.47
C ALA A 187 -10.76 -5.48 -10.42
N ASP A 188 -10.17 -6.22 -11.36
CA ASP A 188 -8.72 -6.39 -11.35
C ASP A 188 -7.95 -5.15 -11.78
N VAL A 189 -8.65 -4.04 -12.01
CA VAL A 189 -7.99 -2.81 -12.39
C VAL A 189 -7.52 -2.04 -11.16
N PRO A 190 -6.23 -1.71 -11.08
CA PRO A 190 -5.72 -0.96 -9.93
C PRO A 190 -6.58 0.24 -9.57
N GLY A 191 -6.80 0.45 -8.29
CA GLY A 191 -7.61 1.57 -7.86
C GLY A 191 -9.06 1.19 -7.72
N ILE A 192 -9.39 -0.05 -8.10
CA ILE A 192 -10.77 -0.52 -7.98
C ILE A 192 -10.86 -1.57 -6.88
N GLY A 193 -11.39 -1.15 -5.73
CA GLY A 193 -11.55 -2.05 -4.60
C GLY A 193 -12.91 -2.70 -4.64
N ASN A 194 -13.28 -3.40 -3.57
CA ASN A 194 -14.58 -4.06 -3.53
C ASN A 194 -15.75 -3.08 -3.60
N ILE A 195 -15.69 -2.01 -2.81
CA ILE A 195 -16.76 -1.03 -2.81
C ILE A 195 -17.05 -0.47 -4.20
N THR A 196 -16.00 -0.13 -4.94
CA THR A 196 -16.17 0.42 -6.28
C THR A 196 -16.50 -0.66 -7.31
N ALA A 197 -15.91 -1.85 -7.16
CA ALA A 197 -16.16 -2.96 -8.09
C ALA A 197 -17.64 -3.32 -8.11
N GLU A 198 -18.31 -3.15 -6.98
CA GLU A 198 -19.73 -3.44 -6.85
C GLU A 198 -20.60 -2.37 -7.51
N LYS A 199 -20.35 -1.11 -7.17
CA LYS A 199 -21.12 -0.03 -7.76
C LYS A 199 -21.08 -0.13 -9.27
N LEU A 200 -20.01 -0.74 -9.78
CA LEU A 200 -19.85 -0.89 -11.23
C LEU A 200 -20.71 -2.01 -11.80
N LYS A 201 -20.92 -3.07 -11.02
CA LYS A 201 -21.76 -4.18 -11.46
C LYS A 201 -23.23 -3.76 -11.53
N LYS A 202 -23.71 -3.09 -10.50
CA LYS A 202 -25.09 -2.62 -10.47
C LYS A 202 -25.36 -1.75 -11.69
N LEU A 203 -24.29 -1.22 -12.27
CA LEU A 203 -24.41 -0.37 -13.46
C LEU A 203 -24.26 -1.23 -14.70
N GLY A 204 -23.85 -2.49 -14.51
CA GLY A 204 -23.67 -3.37 -15.63
C GLY A 204 -22.27 -3.35 -16.21
N ILE A 205 -21.36 -2.65 -15.53
CA ILE A 205 -19.97 -2.55 -15.97
C ILE A 205 -19.11 -3.64 -15.35
N ASN A 206 -18.87 -4.72 -16.09
CA ASN A 206 -18.05 -5.84 -15.58
C ASN A 206 -16.72 -5.86 -16.30
N LYS A 207 -16.55 -4.94 -17.25
CA LYS A 207 -15.33 -4.85 -18.03
C LYS A 207 -14.96 -3.39 -18.24
N LEU A 208 -13.68 -3.14 -18.46
CA LEU A 208 -13.21 -1.78 -18.67
C LEU A 208 -13.96 -1.06 -19.77
N VAL A 209 -14.16 -1.75 -20.89
CA VAL A 209 -14.85 -1.18 -22.04
C VAL A 209 -16.28 -0.73 -21.70
N ASP A 210 -17.01 -1.57 -20.96
CA ASP A 210 -18.39 -1.24 -20.57
C ASP A 210 -18.59 0.20 -20.11
N THR A 211 -17.53 0.85 -19.64
CA THR A 211 -17.61 2.23 -19.16
C THR A 211 -17.92 3.20 -20.30
N LEU A 212 -17.74 2.71 -21.53
CA LEU A 212 -17.99 3.53 -22.71
C LEU A 212 -19.49 3.52 -23.04
N SER A 213 -20.18 2.44 -22.64
CA SER A 213 -21.61 2.30 -22.92
C SER A 213 -22.47 2.95 -21.84
N ILE A 214 -21.86 3.79 -21.01
CA ILE A 214 -22.65 4.48 -20.01
C ILE A 214 -22.37 5.95 -20.06
N GLU A 215 -23.37 6.70 -19.68
N GLU A 215 -23.44 6.70 -19.76
CA GLU A 215 -23.27 8.14 -19.65
CA GLU A 215 -23.41 8.18 -19.71
C GLU A 215 -22.23 8.50 -18.64
C GLU A 215 -22.46 8.66 -18.61
N PHE A 216 -21.49 9.53 -18.96
CA PHE A 216 -20.50 10.01 -18.03
C PHE A 216 -21.14 10.54 -16.75
N ASP A 217 -22.29 11.18 -16.89
CA ASP A 217 -22.99 11.74 -15.74
C ASP A 217 -23.46 10.73 -14.71
N LYS A 218 -23.84 9.54 -15.16
CA LYS A 218 -24.28 8.55 -14.21
C LYS A 218 -23.03 7.95 -13.58
N LEU A 219 -21.96 7.84 -14.36
CA LEU A 219 -20.71 7.29 -13.85
C LEU A 219 -20.18 8.28 -12.80
N LYS A 220 -20.18 9.58 -13.11
CA LYS A 220 -19.73 10.55 -12.12
C LYS A 220 -20.57 10.39 -10.87
N GLY A 221 -21.88 10.37 -11.06
CA GLY A 221 -22.78 10.26 -9.93
C GLY A 221 -22.53 9.06 -9.05
N MET A 222 -22.27 7.91 -9.66
CA MET A 222 -22.05 6.68 -8.91
C MET A 222 -20.67 6.48 -8.27
N ILE A 223 -19.60 6.69 -9.02
CA ILE A 223 -18.26 6.46 -8.47
C ILE A 223 -17.38 7.68 -8.36
N GLY A 224 -17.92 8.85 -8.66
CA GLY A 224 -17.11 10.06 -8.57
C GLY A 224 -16.49 10.43 -9.91
N GLU A 225 -16.23 11.71 -10.10
CA GLU A 225 -15.65 12.23 -11.32
C GLU A 225 -14.25 11.69 -11.57
N ALA A 226 -13.38 11.79 -10.57
CA ALA A 226 -12.00 11.33 -10.68
C ALA A 226 -11.91 9.88 -11.12
N LYS A 227 -12.69 9.01 -10.47
CA LYS A 227 -12.71 7.60 -10.82
C LYS A 227 -13.32 7.37 -12.21
N ALA A 228 -14.28 8.22 -12.57
CA ALA A 228 -14.95 8.10 -13.86
C ALA A 228 -14.01 8.40 -15.01
N LYS A 229 -13.29 9.51 -14.91
CA LYS A 229 -12.35 9.89 -15.95
C LYS A 229 -11.23 8.89 -16.04
N TYR A 230 -10.80 8.38 -14.89
CA TYR A 230 -9.73 7.38 -14.84
C TYR A 230 -10.13 6.13 -15.63
N LEU A 231 -11.24 5.50 -15.24
CA LEU A 231 -11.71 4.30 -15.93
C LEU A 231 -11.98 4.54 -17.42
N ILE A 232 -12.53 5.70 -17.76
CA ILE A 232 -12.82 6.03 -19.14
C ILE A 232 -11.55 6.19 -19.99
N SER A 233 -10.58 6.98 -19.52
CA SER A 233 -9.36 7.16 -20.29
C SER A 233 -8.72 5.81 -20.55
N LEU A 234 -8.62 4.99 -19.51
CA LEU A 234 -8.04 3.66 -19.64
C LEU A 234 -8.76 2.84 -20.70
N ALA A 235 -10.09 2.90 -20.68
CA ALA A 235 -10.91 2.17 -21.65
C ALA A 235 -10.74 2.74 -23.05
N ARG A 236 -10.62 4.07 -23.13
CA ARG A 236 -10.44 4.77 -24.39
C ARG A 236 -9.02 4.52 -24.89
N ASP A 237 -8.20 3.93 -24.03
CA ASP A 237 -6.80 3.63 -24.33
C ASP A 237 -6.02 4.93 -24.49
N GLU A 238 -6.31 5.89 -23.63
CA GLU A 238 -5.64 7.18 -23.70
C GLU A 238 -5.05 7.57 -22.36
N TYR A 239 -5.02 6.61 -21.43
CA TYR A 239 -4.47 6.85 -20.10
C TYR A 239 -2.97 7.07 -20.24
N ASN A 240 -2.49 8.21 -19.77
CA ASN A 240 -1.07 8.50 -19.89
C ASN A 240 -0.56 9.34 -18.73
N GLU A 241 -0.55 8.77 -17.54
CA GLU A 241 -0.04 9.50 -16.38
C GLU A 241 1.47 9.34 -16.34
N PRO A 242 2.18 10.43 -16.05
CA PRO A 242 3.65 10.43 -15.97
C PRO A 242 4.20 9.90 -14.64
N ILE A 243 5.46 9.45 -14.68
CA ILE A 243 6.16 8.92 -13.51
C ILE A 243 6.71 10.11 -12.71
N ARG A 244 6.04 10.45 -11.61
CA ARG A 244 6.47 11.57 -10.78
C ARG A 244 7.10 11.10 -9.46
N THR A 245 7.78 12.02 -8.79
CA THR A 245 8.43 11.73 -7.52
C THR A 245 7.44 12.06 -6.40
N ARG A 246 6.81 11.04 -5.83
CA ARG A 246 5.85 11.26 -4.76
C ARG A 246 6.53 11.81 -3.51
N VAL A 247 6.00 12.90 -2.99
CA VAL A 247 6.54 13.55 -1.80
C VAL A 247 5.66 13.29 -0.59
N ARG A 248 6.28 12.97 0.54
CA ARG A 248 5.55 12.72 1.78
C ARG A 248 4.69 13.92 2.18
N LYS A 249 3.38 13.72 2.22
CA LYS A 249 2.46 14.79 2.58
C LYS A 249 2.05 14.72 4.05
N SER A 250 2.14 13.53 4.66
CA SER A 250 1.77 13.37 6.06
C SER A 250 2.49 12.22 6.79
N ILE A 251 2.61 12.36 8.10
CA ILE A 251 3.26 11.37 8.93
C ILE A 251 2.47 11.20 10.21
N GLY A 252 2.21 9.94 10.57
CA GLY A 252 1.45 9.68 11.78
C GLY A 252 1.70 8.31 12.34
N ARG A 253 0.99 7.97 13.40
CA ARG A 253 1.15 6.69 14.05
C ARG A 253 -0.08 6.39 14.88
N ILE A 254 -0.58 5.16 14.76
CA ILE A 254 -1.77 4.71 15.49
C ILE A 254 -1.49 3.40 16.22
N VAL A 255 -1.85 3.34 17.49
CA VAL A 255 -1.61 2.13 18.27
C VAL A 255 -2.91 1.49 18.75
N THR A 256 -2.79 0.26 19.22
CA THR A 256 -3.96 -0.46 19.72
C THR A 256 -3.87 -0.53 21.23
N MET A 257 -4.96 -0.21 21.91
CA MET A 257 -4.98 -0.24 23.36
C MET A 257 -5.19 -1.65 23.89
N LYS A 258 -4.78 -1.87 25.15
CA LYS A 258 -4.93 -3.18 25.79
C LYS A 258 -6.40 -3.59 25.78
N ARG A 259 -7.28 -2.60 25.92
CA ARG A 259 -8.72 -2.83 25.92
C ARG A 259 -9.41 -1.52 25.54
N ASN A 260 -10.62 -1.62 24.99
CA ASN A 260 -11.39 -0.44 24.59
C ASN A 260 -11.53 0.48 25.80
N SER A 261 -11.97 1.71 25.57
CA SER A 261 -12.12 2.64 26.68
C SER A 261 -12.62 4.02 26.25
N ARG A 262 -13.16 4.75 27.23
CA ARG A 262 -13.64 6.11 27.00
C ARG A 262 -13.09 6.99 28.10
N ASN A 263 -12.05 6.51 28.78
CA ASN A 263 -11.42 7.24 29.86
C ASN A 263 -10.17 8.01 29.39
N LEU A 264 -10.26 9.33 29.39
CA LEU A 264 -9.16 10.20 28.97
C LEU A 264 -7.80 9.80 29.56
N GLU A 265 -7.75 9.58 30.88
CA GLU A 265 -6.51 9.21 31.56
C GLU A 265 -5.94 7.84 31.19
N GLU A 266 -6.81 6.95 30.74
CA GLU A 266 -6.40 5.60 30.35
C GLU A 266 -5.96 5.59 28.88
N ILE A 267 -6.46 6.56 28.13
CA ILE A 267 -6.14 6.67 26.71
C ILE A 267 -4.90 7.53 26.43
N LYS A 268 -4.72 8.60 27.20
CA LYS A 268 -3.60 9.52 27.03
C LYS A 268 -2.23 8.89 26.75
N PRO A 269 -1.79 7.95 27.59
CA PRO A 269 -0.49 7.29 27.41
C PRO A 269 -0.27 6.79 25.97
N TYR A 270 -1.27 6.09 25.44
CA TYR A 270 -1.20 5.55 24.08
C TYR A 270 -1.13 6.72 23.09
N LEU A 271 -1.93 7.75 23.33
CA LEU A 271 -1.95 8.92 22.46
C LEU A 271 -0.60 9.61 22.46
N PHE A 272 -0.03 9.80 23.65
CA PHE A 272 1.26 10.47 23.77
C PHE A 272 2.38 9.65 23.17
N ARG A 273 2.28 8.35 23.30
CA ARG A 273 3.26 7.44 22.74
C ARG A 273 3.21 7.57 21.22
N ALA A 274 2.00 7.64 20.67
CA ALA A 274 1.86 7.78 19.22
C ALA A 274 2.45 9.11 18.77
N ILE A 275 2.27 10.17 19.56
CA ILE A 275 2.81 11.45 19.19
C ILE A 275 4.36 11.44 19.21
N GLU A 276 4.93 10.86 20.26
CA GLU A 276 6.38 10.76 20.41
C GLU A 276 7.03 10.10 19.20
N GLU A 277 6.45 9.00 18.76
CA GLU A 277 6.97 8.28 17.61
C GLU A 277 6.77 9.12 16.36
N SER A 278 5.61 9.75 16.23
CA SER A 278 5.35 10.58 15.05
C SER A 278 6.39 11.68 14.90
N TYR A 279 6.74 12.32 16.01
CA TYR A 279 7.72 13.40 15.97
C TYR A 279 9.10 12.87 15.63
N TYR A 280 9.42 11.70 16.15
CA TYR A 280 10.70 11.09 15.85
C TYR A 280 10.81 10.85 14.34
N LYS A 281 9.70 10.48 13.72
CA LYS A 281 9.68 10.23 12.27
C LYS A 281 9.65 11.53 11.46
N LEU A 282 9.16 12.59 12.08
CA LEU A 282 9.10 13.88 11.39
C LEU A 282 10.51 14.34 11.07
N ASP A 283 11.45 13.93 11.91
CA ASP A 283 12.87 14.28 11.77
C ASP A 283 13.14 15.57 10.96
N LYS A 284 13.07 16.71 11.64
CA LYS A 284 13.31 18.02 11.03
C LYS A 284 12.09 18.63 10.37
N ARG A 285 11.12 17.81 9.96
CA ARG A 285 9.91 18.33 9.34
C ARG A 285 8.95 18.89 10.38
N ILE A 286 8.42 20.07 10.10
CA ILE A 286 7.50 20.73 11.03
C ILE A 286 6.12 20.81 10.42
N PRO A 287 5.13 20.21 11.09
CA PRO A 287 3.75 20.20 10.62
C PRO A 287 2.93 21.38 11.13
N LYS A 288 2.01 21.84 10.31
CA LYS A 288 1.14 22.95 10.71
C LYS A 288 -0.24 22.40 11.01
N ALA A 289 -0.47 21.12 10.67
CA ALA A 289 -1.77 20.49 10.92
C ALA A 289 -1.67 19.19 11.73
N ILE A 290 -2.66 18.95 12.57
CA ILE A 290 -2.65 17.77 13.40
C ILE A 290 -4.03 17.16 13.49
N HIS A 291 -4.08 15.82 13.42
CA HIS A 291 -5.34 15.11 13.52
C HIS A 291 -5.23 13.96 14.50
N VAL A 292 -6.27 13.78 15.31
CA VAL A 292 -6.31 12.69 16.28
C VAL A 292 -7.27 11.71 15.63
N VAL A 293 -6.79 10.49 15.42
CA VAL A 293 -7.58 9.43 14.78
C VAL A 293 -7.93 8.37 15.80
N ALA A 294 -9.17 7.89 15.75
CA ALA A 294 -9.62 6.88 16.69
C ALA A 294 -10.44 5.78 16.03
N VAL A 295 -10.14 4.54 16.40
CA VAL A 295 -10.86 3.40 15.88
C VAL A 295 -11.83 2.96 16.97
N THR A 296 -13.13 3.09 16.70
CA THR A 296 -14.14 2.71 17.68
C THR A 296 -14.22 1.20 17.87
N GLU A 297 -14.91 0.78 18.93
CA GLU A 297 -15.05 -0.63 19.24
C GLU A 297 -15.59 -1.45 18.07
N ASP A 298 -16.50 -0.85 17.29
CA ASP A 298 -17.06 -1.54 16.14
C ASP A 298 -16.30 -1.23 14.85
N LEU A 299 -15.00 -1.04 15.00
CA LEU A 299 -14.09 -0.76 13.88
C LEU A 299 -14.44 0.42 12.99
N ASP A 300 -14.94 1.50 13.59
CA ASP A 300 -15.25 2.69 12.83
C ASP A 300 -14.05 3.61 13.05
N ILE A 301 -13.82 4.53 12.11
CA ILE A 301 -12.70 5.47 12.19
C ILE A 301 -13.23 6.91 12.32
N VAL A 302 -12.96 7.55 13.45
CA VAL A 302 -13.40 8.92 13.70
C VAL A 302 -12.16 9.80 13.79
N SER A 303 -12.28 11.09 13.48
CA SER A 303 -11.12 11.97 13.61
C SER A 303 -11.46 13.45 13.68
N ARG A 304 -10.67 14.16 14.49
CA ARG A 304 -10.84 15.59 14.70
C ARG A 304 -9.47 16.23 14.54
N GLY A 305 -9.40 17.33 13.82
CA GLY A 305 -8.12 17.98 13.62
C GLY A 305 -8.13 19.49 13.66
N ARG A 306 -6.98 20.07 13.36
CA ARG A 306 -6.85 21.51 13.36
C ARG A 306 -5.56 21.94 12.67
N THR A 307 -5.65 23.01 11.89
CA THR A 307 -4.49 23.54 11.20
C THR A 307 -4.12 24.88 11.81
N PHE A 308 -2.83 25.07 12.07
CA PHE A 308 -2.34 26.31 12.65
C PHE A 308 -1.61 27.11 11.60
N PRO A 309 -1.60 28.44 11.73
CA PRO A 309 -0.91 29.30 10.77
C PRO A 309 0.61 29.19 10.90
N HIS A 310 1.07 28.53 11.96
CA HIS A 310 2.50 28.34 12.22
C HIS A 310 2.79 26.85 12.43
N GLY A 311 4.08 26.52 12.48
CA GLY A 311 4.47 25.13 12.70
C GLY A 311 4.00 24.67 14.06
N ILE A 312 4.05 23.37 14.33
CA ILE A 312 3.60 22.84 15.61
C ILE A 312 4.73 22.21 16.43
N SER A 313 4.83 22.62 17.69
CA SER A 313 5.85 22.10 18.58
C SER A 313 5.28 20.88 19.30
N LYS A 314 6.14 20.05 19.85
CA LYS A 314 5.67 18.87 20.54
C LYS A 314 4.75 19.26 21.71
N GLU A 315 5.07 20.37 22.38
CA GLU A 315 4.26 20.83 23.50
C GLU A 315 2.83 21.16 23.01
N THR A 316 2.74 21.86 21.89
CA THR A 316 1.45 22.25 21.33
C THR A 316 0.68 21.00 20.92
N ALA A 317 1.34 20.12 20.16
CA ALA A 317 0.72 18.88 19.70
C ALA A 317 0.18 18.10 20.89
N TYR A 318 0.94 18.09 21.97
CA TYR A 318 0.55 17.37 23.18
C TYR A 318 -0.74 17.90 23.78
N SER A 319 -0.83 19.21 23.98
CA SER A 319 -2.03 19.78 24.59
C SER A 319 -3.18 19.74 23.62
N GLU A 320 -2.91 20.04 22.35
CA GLU A 320 -3.97 20.06 21.34
C GLU A 320 -4.63 18.69 21.11
N SER A 321 -3.82 17.63 21.09
CA SER A 321 -4.35 16.31 20.84
C SER A 321 -5.34 15.88 21.89
N VAL A 322 -5.14 16.36 23.11
CA VAL A 322 -6.04 16.03 24.21
C VAL A 322 -7.39 16.69 23.98
N LYS A 323 -7.38 17.91 23.46
CA LYS A 323 -8.63 18.59 23.19
C LYS A 323 -9.40 17.86 22.10
N LEU A 324 -8.71 17.51 21.02
CA LEU A 324 -9.33 16.80 19.90
C LEU A 324 -9.84 15.41 20.33
N LEU A 325 -9.16 14.80 21.30
CA LEU A 325 -9.57 13.52 21.81
C LEU A 325 -10.83 13.69 22.65
N GLN A 326 -10.90 14.81 23.36
CA GLN A 326 -12.05 15.10 24.21
C GLN A 326 -13.25 15.42 23.33
N LYS A 327 -12.96 16.04 22.19
CA LYS A 327 -13.99 16.40 21.24
C LYS A 327 -14.56 15.10 20.70
N ILE A 328 -13.68 14.16 20.35
CA ILE A 328 -14.12 12.86 19.83
C ILE A 328 -15.07 12.19 20.81
N LEU A 329 -14.66 12.13 22.08
CA LEU A 329 -15.46 11.52 23.13
C LEU A 329 -16.81 12.23 23.32
N GLU A 330 -16.78 13.55 23.35
CA GLU A 330 -17.99 14.34 23.53
C GLU A 330 -18.92 14.21 22.33
N GLU A 331 -18.38 13.79 21.19
CA GLU A 331 -19.19 13.64 19.98
C GLU A 331 -19.34 12.20 19.48
N ASP A 332 -19.09 11.24 20.36
CA ASP A 332 -19.22 9.83 20.00
C ASP A 332 -19.24 8.98 21.26
N GLU A 333 -20.35 8.29 21.47
CA GLU A 333 -20.55 7.45 22.64
C GLU A 333 -19.72 6.17 22.69
N ARG A 334 -19.43 5.58 21.54
CA ARG A 334 -18.65 4.34 21.49
C ARG A 334 -17.30 4.42 22.18
N LYS A 335 -16.75 3.25 22.47
CA LYS A 335 -15.44 3.15 23.11
C LYS A 335 -14.40 3.29 22.01
N ILE A 336 -13.15 3.48 22.40
CA ILE A 336 -12.08 3.60 21.44
C ILE A 336 -11.22 2.36 21.53
N ARG A 337 -10.96 1.73 20.40
CA ARG A 337 -10.16 0.51 20.33
C ARG A 337 -8.71 0.85 19.98
N ARG A 338 -8.53 1.86 19.14
CA ARG A 338 -7.19 2.27 18.72
C ARG A 338 -7.13 3.79 18.66
N ILE A 339 -6.07 4.36 19.23
CA ILE A 339 -5.94 5.81 19.22
C ILE A 339 -4.62 6.22 18.58
N GLY A 340 -4.63 7.36 17.89
CA GLY A 340 -3.43 7.83 17.24
C GLY A 340 -3.50 9.26 16.74
N VAL A 341 -2.41 9.69 16.10
CA VAL A 341 -2.30 11.05 15.58
C VAL A 341 -1.68 11.10 14.19
N ARG A 342 -1.96 12.18 13.47
N ARG A 342 -1.97 12.17 13.46
CA ARG A 342 -1.40 12.38 12.15
CA ARG A 342 -1.42 12.38 12.12
C ARG A 342 -1.03 13.85 11.96
C ARG A 342 -1.04 13.85 11.95
N PHE A 343 0.18 14.07 11.49
CA PHE A 343 0.71 15.41 11.26
C PHE A 343 0.86 15.67 9.77
N SER A 344 0.29 16.78 9.30
CA SER A 344 0.36 17.13 7.89
C SER A 344 0.63 18.61 7.66
N LYS A 345 0.71 19.00 6.39
CA LYS A 345 0.97 20.38 5.99
C LYS A 345 2.32 20.87 6.52
N PHE A 346 3.39 20.18 6.10
CA PHE A 346 4.73 20.53 6.54
C PHE A 346 5.12 21.89 6.01
N ILE A 347 5.87 22.64 6.81
CA ILE A 347 6.33 23.96 6.44
C ILE A 347 7.37 23.87 5.32
N GLU A 348 7.55 24.87 4.59
P GNE C 5 -1.17 -1.56 15.47
OP1 GNE C 5 0.20 -1.71 15.98
OP2 GNE C 5 -2.25 -1.00 16.31
O5' GNE C 5 -1.16 -0.97 13.97
C5' GNE C 5 0.03 -1.08 13.18
C4' GNE C 5 -0.25 -0.64 11.75
O4' GNE C 5 -1.19 -1.48 11.05
C3' GNE C 5 -0.81 0.79 11.64
O3' GNE C 5 0.04 1.69 10.94
C2' GNE C 5 -2.11 0.62 10.83
C1' GNE C 5 -1.70 -0.61 10.02
N9 GNE C 5 -2.80 -1.20 9.22
C8 GNE C 5 -4.00 -1.59 9.63
N7 GNE C 5 -4.69 -2.08 8.61
C5 GNE C 5 -3.93 -2.00 7.52
C6 GNE C 5 -4.11 -2.34 6.18
O6 GNE C 5 -5.17 -2.85 5.81
N1 GNE C 5 -3.08 -2.10 5.27
C2 GNE C 5 -1.88 -1.52 5.72
N2 GNE C 5 -1.03 -1.35 4.72
CM2 GNE C 5 -1.64 -1.85 3.48
N3 GNE C 5 -1.75 -1.21 7.03
C11 GNE C 5 -3.01 -2.29 3.96
C4 GNE C 5 -2.73 -1.43 7.91
PG DAD D . 3.41 -8.71 -0.57
O1G DAD D . 4.88 -8.39 -0.62
O2G DAD D . 3.02 -8.83 0.88
O3G DAD D . 3.09 -10.02 -1.24
PB DAD D . 1.35 -7.62 -2.34
O1B DAD D . 0.19 -8.44 -1.87
O2B DAD D . 1.97 -8.24 -3.57
O3B DAD D . 2.49 -7.47 -1.17
PA DAD D . 0.21 -5.06 -1.67
O1A DAD D . -0.89 -4.22 -2.23
O2A DAD D . -0.31 -5.84 -0.52
O3A DAD D . 0.93 -6.11 -2.70
O5' DAD D . 1.41 -4.10 -1.25
C5' DAD D . 2.63 -4.70 -0.73
C4' DAD D . 3.09 -4.34 0.65
O4' DAD D . 2.06 -3.68 1.40
C3' DAD D . 3.51 -5.53 1.50
C2' DAD D . 3.34 -5.01 2.92
C1' DAD D . 2.16 -4.04 2.77
N9 DAD D . 0.87 -4.58 3.21
C8 DAD D . -0.16 -5.13 2.45
N7 DAD D . -1.20 -5.51 3.15
C5 DAD D . -0.86 -5.21 4.46
C6 DAD D . -1.56 -5.38 5.68
N6 DAD D . -2.78 -5.91 5.75
N1 DAD D . -0.93 -4.96 6.84
C2 DAD D . 0.32 -4.41 6.76
N3 DAD D . 1.06 -4.21 5.64
C4 DAD D . 0.41 -4.64 4.51
CA CA E . 3.06 -4.80 -4.13
CA CA F . 4.67 -7.31 -3.31
CA CA G . -9.47 -5.60 -7.19
#